data_3UEP
#
_entry.id   3UEP
#
_cell.length_a   114.130
_cell.length_b   114.130
_cell.length_c   88.560
_cell.angle_alpha   90.00
_cell.angle_beta   90.00
_cell.angle_gamma   120.00
#
_symmetry.space_group_name_H-M   'H 3 2'
#
loop_
_entity.id
_entity.type
_entity.pdbx_description
1 polymer 'YscQ-C, type III secretion protein'
2 water water
#
_entity_poly.entity_id   1
_entity_poly.type   'polypeptide(L)'
_entity_poly.pdbx_seq_one_letter_code
;MGHESDELNPEPLTDLNQLPVQVSFEVGRQILDWHTLTSLEPGSLIDLTTPVDGEVRLLANGRLLGHGRLVEIQGRLGVR
IERLTEVTISLEVLFQ
;
_entity_poly.pdbx_strand_id   A,B
#
# COMPACT_ATOMS: atom_id res chain seq x y z
N PRO A 12 21.49 -20.83 0.89
CA PRO A 12 22.60 -20.85 1.85
C PRO A 12 23.16 -19.46 2.10
N LEU A 13 22.41 -18.62 2.81
CA LEU A 13 22.77 -17.21 2.98
C LEU A 13 23.82 -16.98 4.06
N THR A 14 25.00 -16.55 3.65
CA THR A 14 26.09 -16.32 4.59
C THR A 14 26.38 -14.83 4.73
N ASP A 15 25.76 -14.04 3.87
CA ASP A 15 25.86 -12.58 3.91
C ASP A 15 24.48 -12.02 4.28
N LEU A 16 24.33 -11.58 5.52
CA LEU A 16 23.03 -11.08 5.98
C LEU A 16 22.57 -9.86 5.17
N ASN A 17 23.51 -9.14 4.56
CA ASN A 17 23.16 -7.97 3.76
C ASN A 17 22.36 -8.36 2.52
N GLN A 18 22.26 -9.66 2.26
CA GLN A 18 21.49 -10.13 1.12
C GLN A 18 20.15 -10.76 1.52
N LEU A 19 19.81 -10.67 2.81
CA LEU A 19 18.53 -11.20 3.30
C LEU A 19 17.36 -10.51 2.59
N PRO A 20 16.35 -11.27 2.17
CA PRO A 20 15.22 -10.64 1.48
C PRO A 20 14.32 -9.86 2.45
N VAL A 21 13.77 -8.75 1.97
CA VAL A 21 12.74 -7.99 2.67
C VAL A 21 11.58 -7.73 1.72
N GLN A 22 10.37 -8.07 2.15
CA GLN A 22 9.18 -7.86 1.34
C GLN A 22 8.68 -6.43 1.50
N VAL A 23 8.87 -5.63 0.46
CA VAL A 23 8.48 -4.23 0.50
C VAL A 23 7.20 -4.06 -0.31
N SER A 24 6.25 -3.32 0.23
CA SER A 24 5.02 -3.03 -0.49
C SER A 24 4.80 -1.51 -0.57
N PHE A 25 4.04 -1.07 -1.57
CA PHE A 25 3.84 0.36 -1.82
C PHE A 25 2.36 0.64 -1.81
N GLU A 26 1.93 1.56 -0.97
CA GLU A 26 0.51 1.84 -0.79
C GLU A 26 0.20 3.29 -1.07
N VAL A 27 -0.97 3.54 -1.66
CA VAL A 27 -1.41 4.91 -1.90
C VAL A 27 -2.80 5.16 -1.35
N GLY A 28 -3.09 6.40 -1.00
CA GLY A 28 -4.45 6.78 -0.71
C GLY A 28 -4.89 6.56 0.72
N ARG A 29 -6.14 6.94 0.97
CA ARG A 29 -6.74 6.95 2.30
C ARG A 29 -6.58 5.60 2.97
N GLN A 30 -6.85 5.57 4.26
CA GLN A 30 -6.71 4.34 4.99
C GLN A 30 -8.00 4.04 5.77
N ILE A 31 -9.05 4.84 5.54
CA ILE A 31 -10.31 4.63 6.26
C ILE A 31 -11.58 4.62 5.39
N LEU A 32 -12.27 3.48 5.36
CA LEU A 32 -13.64 3.42 4.85
C LEU A 32 -14.54 2.85 5.95
N ASP A 33 -15.71 3.44 6.16
CA ASP A 33 -16.64 2.80 7.09
C ASP A 33 -17.26 1.54 6.49
N TRP A 34 -18.01 0.81 7.30
CA TRP A 34 -18.59 -0.46 6.85
C TRP A 34 -19.66 -0.28 5.80
N HIS A 35 -20.51 0.72 5.95
CA HIS A 35 -21.50 1.02 4.89
C HIS A 35 -20.79 1.08 3.53
N THR A 36 -19.67 1.79 3.49
CA THR A 36 -18.91 1.96 2.26
C THR A 36 -18.31 0.64 1.75
N LEU A 37 -17.72 -0.16 2.63
CA LEU A 37 -17.13 -1.45 2.22
C LEU A 37 -18.18 -2.43 1.76
N THR A 38 -19.29 -2.50 2.48
CA THR A 38 -20.34 -3.46 2.11
C THR A 38 -21.06 -3.05 0.84
N SER A 39 -21.04 -1.77 0.50
CA SER A 39 -21.66 -1.34 -0.78
C SER A 39 -20.74 -1.55 -1.99
N LEU A 40 -19.48 -1.88 -1.76
CA LEU A 40 -18.55 -2.04 -2.87
C LEU A 40 -18.97 -3.19 -3.79
N GLU A 41 -18.85 -2.96 -5.09
CA GLU A 41 -19.05 -4.01 -6.09
C GLU A 41 -18.23 -3.65 -7.34
N PRO A 42 -18.08 -4.61 -8.27
CA PRO A 42 -17.35 -4.28 -9.50
C PRO A 42 -17.97 -3.07 -10.19
N GLY A 43 -17.13 -2.11 -10.57
CA GLY A 43 -17.60 -0.86 -11.14
C GLY A 43 -17.56 0.28 -10.14
N SER A 44 -17.54 -0.04 -8.84
CA SER A 44 -17.49 1.00 -7.81
C SER A 44 -16.25 1.86 -7.97
N LEU A 45 -16.38 3.16 -7.76
CA LEU A 45 -15.23 4.07 -7.82
C LEU A 45 -14.91 4.61 -6.44
N ILE A 46 -13.62 4.67 -6.13
CA ILE A 46 -13.21 5.17 -4.84
C ILE A 46 -12.22 6.29 -5.09
N ASP A 47 -12.51 7.42 -4.47
CA ASP A 47 -11.57 8.51 -4.46
C ASP A 47 -10.53 8.20 -3.37
N LEU A 48 -9.26 8.22 -3.72
CA LEU A 48 -8.19 7.87 -2.78
C LEU A 48 -7.75 9.05 -1.91
N THR A 49 -8.40 10.20 -2.09
CA THR A 49 -8.10 11.40 -1.31
C THR A 49 -6.65 11.82 -1.48
N THR A 50 -6.15 11.78 -2.71
CA THR A 50 -4.78 12.24 -3.02
C THR A 50 -4.71 12.62 -4.49
N PRO A 51 -3.80 13.54 -4.85
CA PRO A 51 -3.65 13.92 -6.26
C PRO A 51 -3.13 12.73 -7.07
N VAL A 52 -2.95 12.91 -8.38
CA VAL A 52 -2.50 11.83 -9.25
C VAL A 52 -1.07 11.36 -8.92
N ASP A 53 -0.26 12.25 -8.35
CA ASP A 53 1.03 11.83 -7.78
C ASP A 53 0.79 11.27 -6.38
N GLY A 54 0.76 12.15 -5.38
CA GLY A 54 0.25 11.76 -4.07
C GLY A 54 1.08 10.78 -3.25
N GLU A 55 0.77 10.76 -1.96
CA GLU A 55 1.54 9.99 -0.98
CA GLU A 55 1.52 9.99 -0.97
C GLU A 55 1.60 8.51 -1.28
N VAL A 56 2.80 7.96 -1.27
CA VAL A 56 3.00 6.51 -1.29
C VAL A 56 3.66 6.15 0.04
N ARG A 57 3.15 5.15 0.72
CA ARG A 57 3.80 4.66 1.92
CA ARG A 57 3.78 4.65 1.93
C ARG A 57 4.56 3.39 1.59
N LEU A 58 5.82 3.32 2.01
CA LEU A 58 6.58 2.10 1.85
C LEU A 58 6.48 1.28 3.12
N LEU A 59 6.06 0.04 2.98
CA LEU A 59 6.01 -0.85 4.11
C LEU A 59 7.08 -1.94 3.90
N ALA A 60 7.79 -2.28 4.96
CA ALA A 60 8.75 -3.39 4.93
C ALA A 60 8.17 -4.44 5.86
N ASN A 61 7.82 -5.59 5.30
CA ASN A 61 7.08 -6.59 6.06
C ASN A 61 5.87 -6.00 6.84
N GLY A 62 5.13 -5.11 6.20
CA GLY A 62 3.94 -4.52 6.82
C GLY A 62 4.12 -3.37 7.82
N ARG A 63 5.36 -2.98 8.11
CA ARG A 63 5.64 -1.84 8.98
C ARG A 63 6.14 -0.64 8.16
N LEU A 64 5.74 0.56 8.57
CA LEU A 64 6.03 1.77 7.80
C LEU A 64 7.53 2.04 7.71
N LEU A 65 8.04 2.12 6.48
CA LEU A 65 9.47 2.29 6.26
C LEU A 65 9.77 3.69 5.69
N GLY A 66 8.79 4.31 5.06
CA GLY A 66 9.00 5.62 4.49
C GLY A 66 7.89 6.08 3.57
N HIS A 67 8.08 7.26 2.99
CA HIS A 67 7.04 7.92 2.20
C HIS A 67 7.64 8.37 0.87
N GLY A 68 6.83 8.39 -0.16
CA GLY A 68 7.27 8.70 -1.50
C GLY A 68 6.15 9.28 -2.34
N ARG A 69 6.39 9.40 -3.62
CA ARG A 69 5.44 10.00 -4.54
CA ARG A 69 5.43 9.99 -4.53
C ARG A 69 5.32 9.12 -5.78
N LEU A 70 4.10 8.88 -6.25
CA LEU A 70 3.93 8.14 -7.49
C LEU A 70 4.43 9.00 -8.64
N VAL A 71 5.24 8.41 -9.50
CA VAL A 71 5.65 9.07 -10.75
C VAL A 71 5.43 8.12 -11.93
N GLU A 72 5.33 8.67 -13.12
CA GLU A 72 5.16 7.86 -14.33
C GLU A 72 6.38 8.01 -15.22
N ILE A 73 7.32 7.08 -15.11
CA ILE A 73 8.51 7.14 -15.97
C ILE A 73 8.37 6.29 -17.22
N GLN A 74 8.07 6.96 -18.34
CA GLN A 74 8.02 6.30 -19.64
C GLN A 74 6.91 5.27 -19.70
N GLY A 75 5.72 5.66 -19.28
CA GLY A 75 4.56 4.79 -19.37
C GLY A 75 4.52 3.75 -18.27
N ARG A 76 5.52 3.77 -17.39
CA ARG A 76 5.56 2.84 -16.27
C ARG A 76 5.49 3.52 -14.92
N LEU A 77 4.85 2.86 -13.97
CA LEU A 77 4.66 3.39 -12.64
C LEU A 77 5.93 3.27 -11.79
N GLY A 78 6.30 4.34 -11.12
CA GLY A 78 7.43 4.30 -10.21
C GLY A 78 7.17 5.04 -8.93
N VAL A 79 8.10 4.94 -7.99
CA VAL A 79 7.99 5.65 -6.74
C VAL A 79 9.27 6.45 -6.46
N ARG A 80 9.16 7.75 -6.29
CA ARG A 80 10.31 8.53 -5.89
C ARG A 80 10.35 8.79 -4.41
N ILE A 81 11.38 8.32 -3.73
CA ILE A 81 11.50 8.42 -2.28
C ILE A 81 11.61 9.86 -1.82
N GLU A 82 10.93 10.19 -0.73
CA GLU A 82 10.95 11.56 -0.22
C GLU A 82 11.47 11.61 1.20
N ARG A 83 11.28 10.51 1.92
CA ARG A 83 11.54 10.46 3.35
CA ARG A 83 11.52 10.47 3.35
C ARG A 83 11.58 9.02 3.82
N LEU A 84 12.39 8.74 4.82
CA LEU A 84 12.53 7.41 5.36
C LEU A 84 12.37 7.43 6.81
N THR A 85 11.66 6.48 7.32
CA THR A 85 11.45 6.47 8.76
C THR A 85 12.24 5.32 9.41
N GLU A 86 12.58 5.51 10.68
CA GLU A 86 13.29 4.50 11.42
C GLU A 86 12.29 3.42 11.77
N VAL A 87 12.71 2.17 11.67
CA VAL A 87 11.81 1.06 11.97
C VAL A 87 12.60 -0.24 12.17
N THR A 88 12.05 -1.11 13.01
CA THR A 88 12.65 -2.40 13.27
C THR A 88 12.05 -3.48 12.41
N ILE A 89 12.88 -4.06 11.56
CA ILE A 89 12.45 -5.10 10.64
C ILE A 89 12.87 -6.46 11.17
N SER A 90 11.94 -7.40 11.11
CA SER A 90 12.24 -8.76 11.55
C SER A 90 12.70 -9.57 10.35
N LEU A 91 13.88 -10.16 10.48
CA LEU A 91 14.47 -10.99 9.44
C LEU A 91 14.68 -12.39 9.99
N GLU A 92 14.89 -13.35 9.08
CA GLU A 92 15.18 -14.72 9.46
C GLU A 92 16.26 -15.32 8.57
N VAL A 93 17.23 -16.00 9.19
CA VAL A 93 18.28 -16.66 8.42
C VAL A 93 18.39 -18.12 8.79
N LEU A 94 18.69 -18.94 7.80
CA LEU A 94 18.98 -20.35 8.05
C LEU A 94 20.47 -20.52 8.31
N PHE A 95 20.82 -20.84 9.54
CA PHE A 95 22.21 -21.06 9.92
C PHE A 95 22.75 -22.37 9.37
N GLN A 96 23.96 -22.44 8.82
CA GLN A 96 24.48 -23.76 8.39
C GLN A 96 25.89 -24.07 8.91
N PRO B 12 -19.15 5.51 21.82
CA PRO B 12 -19.95 4.37 21.34
C PRO B 12 -20.84 4.75 20.18
N LEU B 13 -20.91 3.86 19.19
CA LEU B 13 -21.67 4.09 17.98
C LEU B 13 -23.05 3.48 18.06
N THR B 14 -24.08 4.31 17.90
CA THR B 14 -25.46 3.84 17.82
C THR B 14 -25.62 2.88 16.65
N ASP B 15 -24.77 3.05 15.65
CA ASP B 15 -24.79 2.22 14.46
C ASP B 15 -23.40 1.68 14.14
N LEU B 16 -23.17 0.40 14.39
CA LEU B 16 -21.87 -0.19 14.08
C LEU B 16 -21.52 -0.13 12.59
N ASN B 17 -22.51 0.04 11.71
CA ASN B 17 -22.15 0.22 10.30
C ASN B 17 -21.30 1.49 10.05
N GLN B 18 -21.26 2.41 11.02
CA GLN B 18 -20.36 3.55 10.92
C GLN B 18 -18.91 3.22 11.28
N LEU B 19 -18.60 1.96 11.52
CA LEU B 19 -17.31 1.63 12.13
C LEU B 19 -16.21 1.82 11.10
N PRO B 20 -15.11 2.46 11.51
CA PRO B 20 -14.02 2.74 10.57
C PRO B 20 -13.11 1.53 10.38
N VAL B 21 -12.94 1.12 9.13
CA VAL B 21 -12.06 0.04 8.74
C VAL B 21 -10.80 0.60 8.04
N GLN B 22 -9.64 0.14 8.49
CA GLN B 22 -8.38 0.49 7.83
C GLN B 22 -8.24 -0.25 6.50
N VAL B 23 -8.23 0.50 5.39
CA VAL B 23 -8.12 -0.09 4.06
C VAL B 23 -6.94 0.47 3.23
N SER B 24 -6.04 -0.41 2.79
CA SER B 24 -4.91 0.01 1.95
C SER B 24 -5.13 -0.23 0.45
N PHE B 25 -4.55 0.62 -0.38
CA PHE B 25 -4.50 0.35 -1.81
C PHE B 25 -3.09 0.14 -2.25
N GLU B 26 -2.74 -1.12 -2.47
CA GLU B 26 -1.37 -1.50 -2.75
C GLU B 26 -1.11 -1.46 -4.26
N VAL B 27 -0.18 -0.60 -4.68
CA VAL B 27 0.12 -0.47 -6.10
C VAL B 27 1.33 -1.26 -6.55
N GLY B 28 2.02 -1.92 -5.61
CA GLY B 28 3.22 -2.67 -5.93
C GLY B 28 3.77 -3.44 -4.74
N ARG B 29 4.57 -4.47 -5.06
CA ARG B 29 5.22 -5.32 -4.07
CA ARG B 29 5.24 -5.31 -4.07
C ARG B 29 6.58 -5.72 -4.63
N GLN B 30 7.62 -5.70 -3.81
CA GLN B 30 8.94 -6.08 -4.31
C GLN B 30 9.81 -6.72 -3.24
N ILE B 31 10.60 -7.73 -3.62
CA ILE B 31 11.58 -8.24 -2.69
C ILE B 31 12.88 -7.48 -2.84
N LEU B 32 13.25 -6.72 -1.81
CA LEU B 32 14.51 -5.98 -1.80
C LEU B 32 15.45 -6.61 -0.77
N ASP B 33 16.74 -6.68 -1.07
CA ASP B 33 17.67 -7.19 -0.07
C ASP B 33 18.12 -6.06 0.83
N TRP B 34 18.73 -6.38 1.97
CA TRP B 34 19.06 -5.33 2.92
C TRP B 34 19.97 -4.25 2.31
N HIS B 35 20.92 -4.67 1.49
CA HIS B 35 21.83 -3.70 0.89
C HIS B 35 21.06 -2.68 0.03
N THR B 36 20.13 -3.15 -0.79
CA THR B 36 19.31 -2.25 -1.59
C THR B 36 18.50 -1.28 -0.71
N LEU B 37 17.79 -1.82 0.28
CA LEU B 37 16.99 -1.00 1.19
C LEU B 37 17.85 0.10 1.76
N THR B 38 19.03 -0.31 2.18
CA THR B 38 19.90 0.50 2.99
C THR B 38 20.50 1.63 2.18
N SER B 39 20.51 1.49 0.86
CA SER B 39 21.08 2.52 0.03
C SER B 39 19.98 3.42 -0.56
N LEU B 40 18.75 3.26 -0.07
CA LEU B 40 17.66 4.16 -0.42
C LEU B 40 17.86 5.51 0.29
N GLU B 41 17.54 6.59 -0.41
CA GLU B 41 17.64 7.92 0.18
CA GLU B 41 17.64 7.92 0.18
C GLU B 41 16.56 8.83 -0.41
N PRO B 42 16.27 9.96 0.26
CA PRO B 42 15.33 10.91 -0.37
C PRO B 42 15.85 11.18 -1.78
N GLY B 43 15.02 11.04 -2.81
CA GLY B 43 15.48 11.21 -4.18
C GLY B 43 15.60 9.92 -4.97
N SER B 44 15.86 8.80 -4.30
CA SER B 44 15.95 7.50 -4.97
C SER B 44 14.69 7.20 -5.76
N LEU B 45 14.85 6.59 -6.93
CA LEU B 45 13.71 6.20 -7.75
C LEU B 45 13.56 4.70 -7.75
N ILE B 46 12.39 4.20 -7.38
CA ILE B 46 12.11 2.78 -7.45
C ILE B 46 11.16 2.51 -8.61
N ASP B 47 11.61 1.72 -9.58
CA ASP B 47 10.77 1.36 -10.72
C ASP B 47 9.89 0.18 -10.35
N LEU B 48 8.57 0.37 -10.32
CA LEU B 48 7.64 -0.72 -10.10
C LEU B 48 7.54 -1.62 -11.35
N THR B 49 7.81 -1.03 -12.51
CA THR B 49 7.92 -1.78 -13.77
C THR B 49 6.58 -2.22 -14.33
N THR B 50 5.50 -1.73 -13.72
CA THR B 50 4.15 -2.08 -14.13
C THR B 50 3.38 -0.86 -14.63
N PRO B 51 2.39 -1.08 -15.51
CA PRO B 51 1.71 0.01 -16.22
C PRO B 51 1.20 1.12 -15.31
N VAL B 52 1.06 2.32 -15.87
CA VAL B 52 0.63 3.49 -15.12
C VAL B 52 -0.87 3.50 -14.78
N ASP B 53 -1.68 2.81 -15.59
CA ASP B 53 -3.06 2.53 -15.21
C ASP B 53 -3.09 1.13 -14.61
N GLY B 54 -2.40 0.97 -13.49
CA GLY B 54 -2.06 -0.33 -12.96
C GLY B 54 -3.06 -0.98 -12.02
N GLU B 55 -2.82 -2.26 -11.77
CA GLU B 55 -3.58 -3.06 -10.82
C GLU B 55 -3.36 -2.61 -9.37
N VAL B 56 -4.39 -2.75 -8.56
CA VAL B 56 -4.38 -2.28 -7.19
C VAL B 56 -4.98 -3.39 -6.35
N ARG B 57 -4.30 -3.79 -5.29
CA ARG B 57 -4.91 -4.73 -4.36
C ARG B 57 -5.52 -3.91 -3.22
N LEU B 58 -6.81 -4.11 -2.97
CA LEU B 58 -7.48 -3.52 -1.83
C LEU B 58 -7.27 -4.38 -0.61
N LEU B 59 -6.74 -3.80 0.44
CA LEU B 59 -6.45 -4.55 1.64
C LEU B 59 -7.20 -3.90 2.82
N ALA B 60 -7.71 -4.73 3.73
CA ALA B 60 -8.28 -4.22 4.97
C ALA B 60 -7.55 -4.87 6.13
N ASN B 61 -6.77 -4.06 6.84
CA ASN B 61 -5.96 -4.56 7.94
C ASN B 61 -4.91 -5.55 7.43
N GLY B 62 -4.38 -5.25 6.24
CA GLY B 62 -3.32 -6.04 5.65
C GLY B 62 -3.82 -7.26 4.90
N ARG B 63 -5.14 -7.43 4.85
CA ARG B 63 -5.70 -8.60 4.20
C ARG B 63 -6.49 -8.30 2.92
N LEU B 64 -6.35 -9.18 1.93
CA LEU B 64 -6.90 -8.96 0.58
C LEU B 64 -8.43 -8.95 0.47
N LEU B 65 -8.97 -7.86 -0.07
CA LEU B 65 -10.42 -7.64 -0.22
C LEU B 65 -10.89 -7.70 -1.68
N GLY B 66 -10.01 -7.30 -2.59
CA GLY B 66 -10.33 -7.34 -4.00
C GLY B 66 -9.24 -6.67 -4.80
N HIS B 67 -9.53 -6.42 -6.07
CA HIS B 67 -8.55 -5.85 -7.00
C HIS B 67 -9.25 -4.76 -7.74
N GLY B 68 -8.48 -3.77 -8.17
CA GLY B 68 -9.00 -2.58 -8.80
C GLY B 68 -7.97 -2.08 -9.78
N ARG B 69 -8.30 -0.97 -10.41
CA ARG B 69 -7.46 -0.41 -11.45
C ARG B 69 -7.39 1.08 -11.18
N LEU B 70 -6.18 1.63 -11.11
CA LEU B 70 -6.04 3.08 -10.95
C LEU B 70 -6.66 3.82 -12.14
N VAL B 71 -7.35 4.90 -11.84
CA VAL B 71 -7.89 5.76 -12.89
C VAL B 71 -7.62 7.18 -12.46
N GLU B 72 -7.58 8.09 -13.43
CA GLU B 72 -7.45 9.51 -13.14
C GLU B 72 -8.74 10.25 -13.44
N ILE B 73 -9.08 11.16 -12.53
CA ILE B 73 -10.32 11.94 -12.62
C ILE B 73 -9.92 13.35 -12.25
N GLN B 74 -9.84 14.22 -13.26
CA GLN B 74 -9.54 15.63 -13.05
C GLN B 74 -8.31 15.87 -12.18
N GLY B 75 -7.23 15.14 -12.43
CA GLY B 75 -6.00 15.34 -11.67
C GLY B 75 -6.07 14.72 -10.28
N ARG B 76 -7.17 14.04 -10.00
CA ARG B 76 -7.31 13.28 -8.76
C ARG B 76 -7.22 11.80 -9.10
N LEU B 77 -6.54 11.05 -8.24
CA LEU B 77 -6.35 9.65 -8.48
C LEU B 77 -7.50 8.89 -7.85
N GLY B 78 -7.97 7.87 -8.57
CA GLY B 78 -8.96 6.96 -8.04
C GLY B 78 -8.69 5.54 -8.50
N VAL B 79 -9.58 4.65 -8.08
CA VAL B 79 -9.50 3.22 -8.33
C VAL B 79 -10.89 2.75 -8.74
N ARG B 80 -10.99 1.90 -9.76
CA ARG B 80 -12.26 1.29 -10.10
C ARG B 80 -12.13 -0.14 -9.63
N ILE B 81 -13.08 -0.60 -8.84
CA ILE B 81 -13.08 -1.97 -8.35
C ILE B 81 -13.36 -2.92 -9.50
N GLU B 82 -12.60 -4.00 -9.59
CA GLU B 82 -12.83 -4.94 -10.70
C GLU B 82 -13.40 -6.24 -10.23
N ARG B 83 -12.85 -6.75 -9.13
CA ARG B 83 -13.30 -8.00 -8.52
C ARG B 83 -13.23 -7.84 -7.03
N LEU B 84 -14.03 -8.62 -6.31
CA LEU B 84 -13.94 -8.70 -4.86
C LEU B 84 -13.79 -10.15 -4.43
N THR B 85 -13.29 -10.37 -3.22
CA THR B 85 -13.08 -11.72 -2.72
C THR B 85 -13.66 -11.75 -1.32
N GLU B 86 -14.02 -12.93 -0.83
CA GLU B 86 -14.56 -12.97 0.52
C GLU B 86 -13.37 -13.01 1.45
N VAL B 87 -13.51 -12.39 2.63
CA VAL B 87 -12.42 -12.29 3.59
C VAL B 87 -12.99 -11.93 4.97
N THR B 88 -12.34 -12.40 6.02
CA THR B 88 -12.83 -12.22 7.39
C THR B 88 -12.14 -11.08 8.11
N ILE B 89 -12.86 -9.99 8.31
CA ILE B 89 -12.32 -8.78 8.93
C ILE B 89 -12.53 -8.78 10.45
N SER B 90 -11.48 -8.42 11.18
CA SER B 90 -11.52 -8.31 12.63
C SER B 90 -11.84 -6.89 13.03
N LEU B 91 -12.79 -6.74 13.94
CA LEU B 91 -13.15 -5.42 14.41
C LEU B 91 -13.13 -5.36 15.93
N GLU B 92 -12.53 -4.31 16.48
CA GLU B 92 -12.58 -4.07 17.92
CA GLU B 92 -12.58 -4.05 17.91
C GLU B 92 -13.60 -2.96 18.19
N VAL B 93 -14.59 -3.27 19.04
CA VAL B 93 -15.70 -2.36 19.24
C VAL B 93 -15.86 -1.96 20.70
N LEU B 94 -16.00 -0.66 20.94
CA LEU B 94 -16.10 -0.15 22.30
C LEU B 94 -17.55 -0.21 22.75
N PHE B 95 -17.79 -0.92 23.84
CA PHE B 95 -19.14 -1.05 24.36
C PHE B 95 -19.37 0.08 25.35
N GLN B 96 -20.43 0.85 25.11
CA GLN B 96 -20.66 2.16 25.72
C GLN B 96 -19.63 2.63 26.74
#